data_4H95
#
_entry.id   4H95
#
_cell.length_a   118.482
_cell.length_b   118.856
_cell.length_c   39.284
_cell.angle_alpha   90.00
_cell.angle_beta   90.00
_cell.angle_gamma   90.00
#
_symmetry.space_group_name_H-M   'P 21 21 2'
#
loop_
_entity.id
_entity.type
_entity.pdbx_description
1 polymer 'Dihydrofolate Reductase'
2 non-polymer 'NADPH DIHYDRO-NICOTINAMIDE-ADENINE-DINUCLEOTIDE PHOSPHATE'
3 non-polymer 6-ethyl-5-{(3R)-3-[3-methoxy-5-(pyridin-4-yl)phenyl]but-1-yn-1-yl}pyrimidine-2,4-diamine
4 water water
#
_entity_poly.entity_id   1
_entity_poly.type   'polypeptide(L)'
_entity_poly.pdbx_seq_one_letter_code
;PNVAIIVAALKPALGIGYKGKMPWRLRKEIRYFKDVTTRTTKPNTRNAVIMGRKTWESIPQKFRPLPDRLNIILSRSYEN
EIIDDNIIHASSIESSLNLVSDVERVFIIGGAEIYNELINNSLVSHLLITEIEHPSPESIEMDTFLKFPLESWTKQPKSE
LQKFVGDTVLEDDIKEGDFTYNYTLWTRK
;
_entity_poly.pdbx_strand_id   A,B
#
# COMPACT_ATOMS: atom_id res chain seq x y z
N PRO A 1 -8.95 -10.70 18.23
CA PRO A 1 -8.91 -10.43 16.80
C PRO A 1 -8.91 -11.70 15.95
N ASN A 2 -9.27 -11.55 14.67
CA ASN A 2 -9.43 -12.67 13.74
C ASN A 2 -8.11 -13.32 13.36
N VAL A 3 -7.96 -14.60 13.71
CA VAL A 3 -6.74 -15.35 13.40
C VAL A 3 -7.03 -16.40 12.30
N ALA A 4 -6.22 -16.37 11.25
CA ALA A 4 -6.40 -17.25 10.11
C ALA A 4 -5.08 -17.84 9.63
N ILE A 5 -5.14 -19.05 9.09
CA ILE A 5 -4.00 -19.69 8.45
C ILE A 5 -4.09 -19.51 6.94
N ILE A 6 -3.00 -19.04 6.34
CA ILE A 6 -2.90 -18.89 4.89
C ILE A 6 -1.74 -19.72 4.34
N VAL A 7 -2.05 -20.58 3.37
CA VAL A 7 -1.09 -21.55 2.84
C VAL A 7 -1.48 -22.00 1.42
N ALA A 8 -0.47 -22.39 0.63
CA ALA A 8 -0.69 -23.02 -0.66
C ALA A 8 -0.10 -24.43 -0.67
N ALA A 9 -0.94 -25.43 -0.93
CA ALA A 9 -0.53 -26.83 -0.86
C ALA A 9 -0.97 -27.63 -2.08
N LEU A 10 -0.14 -28.59 -2.48
CA LEU A 10 -0.43 -29.47 -3.59
C LEU A 10 -1.28 -30.65 -3.13
N LYS A 11 -2.46 -30.81 -3.73
CA LYS A 11 -3.36 -31.92 -3.44
C LYS A 11 -2.82 -33.22 -4.05
N PRO A 12 -3.24 -34.39 -3.51
CA PRO A 12 -4.13 -34.58 -2.37
C PRO A 12 -3.41 -34.69 -1.03
N ALA A 13 -2.09 -34.86 -1.07
CA ALA A 13 -1.27 -35.09 0.13
C ALA A 13 -0.97 -33.80 0.89
N LEU A 14 -1.27 -32.67 0.25
CA LEU A 14 -1.02 -31.33 0.81
C LEU A 14 0.45 -31.05 1.14
N GLY A 15 1.31 -31.33 0.16
CA GLY A 15 2.74 -31.02 0.28
C GLY A 15 2.99 -29.54 0.15
N ILE A 16 3.97 -29.03 0.88
CA ILE A 16 4.26 -27.59 0.88
C ILE A 16 5.73 -27.26 0.62
N GLY A 17 6.59 -28.28 0.55
CA GLY A 17 8.01 -28.06 0.29
C GLY A 17 8.87 -29.30 0.14
N TYR A 18 10.08 -29.08 -0.38
CA TYR A 18 11.11 -30.11 -0.49
C TYR A 18 12.48 -29.49 -0.27
N LYS A 19 13.29 -30.13 0.56
CA LYS A 19 14.63 -29.66 0.93
C LYS A 19 14.65 -28.21 1.45
N GLY A 20 13.57 -27.82 2.14
CA GLY A 20 13.47 -26.49 2.74
C GLY A 20 13.12 -25.37 1.77
N LYS A 21 12.46 -25.70 0.66
CA LYS A 21 12.03 -24.69 -0.31
C LYS A 21 10.75 -25.08 -1.05
N MET A 22 10.08 -24.07 -1.61
CA MET A 22 8.80 -24.25 -2.29
C MET A 22 8.98 -24.87 -3.68
N PRO A 23 8.16 -25.88 -4.01
CA PRO A 23 8.29 -26.60 -5.29
C PRO A 23 7.60 -25.91 -6.47
N TRP A 24 7.30 -24.62 -6.32
CA TRP A 24 6.63 -23.83 -7.37
C TRP A 24 6.87 -22.34 -7.17
N ARG A 25 6.76 -21.59 -8.27
CA ARG A 25 6.77 -20.14 -8.23
C ARG A 25 5.54 -19.65 -9.01
N LEU A 26 4.43 -19.48 -8.28
CA LEU A 26 3.17 -19.08 -8.89
C LEU A 26 2.94 -17.58 -8.71
N ARG A 27 2.99 -16.86 -9.84
CA ARG A 27 3.05 -15.39 -9.82
C ARG A 27 1.79 -14.69 -9.31
N LYS A 28 0.62 -15.23 -9.64
CA LYS A 28 -0.65 -14.64 -9.20
C LYS A 28 -0.97 -15.01 -7.75
N GLU A 29 -0.56 -16.21 -7.36
CA GLU A 29 -0.72 -16.68 -5.99
C GLU A 29 0.02 -15.76 -5.01
N ILE A 30 1.23 -15.33 -5.41
CA ILE A 30 2.05 -14.41 -4.62
C ILE A 30 1.35 -13.06 -4.38
N ARG A 31 0.74 -12.53 -5.44
CA ARG A 31 -0.03 -11.27 -5.36
C ARG A 31 -1.25 -11.40 -4.46
N TYR A 32 -1.92 -12.55 -4.55
CA TYR A 32 -3.07 -12.87 -3.69
C TYR A 32 -2.67 -12.87 -2.22
N PHE A 33 -1.57 -13.56 -1.92
CA PHE A 33 -1.00 -13.58 -0.57
C PHE A 33 -0.73 -12.15 -0.09
N LYS A 34 -0.14 -11.35 -0.97
CA LYS A 34 0.21 -9.96 -0.67
C LYS A 34 -1.02 -9.11 -0.35
N ASP A 35 -2.05 -9.19 -1.18
CA ASP A 35 -3.25 -8.36 -1.02
C ASP A 35 -4.07 -8.75 0.21
N VAL A 36 -4.32 -10.04 0.39
CA VAL A 36 -5.16 -10.53 1.48
C VAL A 36 -4.56 -10.22 2.86
N THR A 37 -3.25 -10.47 3.01
CA THR A 37 -2.56 -10.21 4.27
C THR A 37 -2.35 -8.73 4.57
N THR A 38 -2.55 -7.88 3.57
CA THR A 38 -2.36 -6.42 3.73
C THR A 38 -3.67 -5.65 3.95
N ARG A 39 -4.73 -6.06 3.24
CA ARG A 39 -6.00 -5.33 3.22
C ARG A 39 -6.65 -5.19 4.60
N THR A 40 -6.95 -3.96 4.98
CA THR A 40 -7.69 -3.66 6.21
C THR A 40 -9.04 -3.02 5.89
N THR A 41 -10.01 -3.22 6.77
CA THR A 41 -11.35 -2.65 6.61
C THR A 41 -11.48 -1.33 7.35
N LYS A 42 -10.88 -1.25 8.53
CA LYS A 42 -10.99 -0.10 9.43
C LYS A 42 -9.78 0.84 9.32
N PRO A 43 -9.98 2.14 9.59
CA PRO A 43 -8.86 3.08 9.59
C PRO A 43 -7.96 2.87 10.81
N ASN A 44 -6.71 3.34 10.70
CA ASN A 44 -5.71 3.28 11.78
C ASN A 44 -5.28 1.86 12.22
N THR A 45 -5.59 0.86 11.40
CA THR A 45 -5.21 -0.52 11.69
C THR A 45 -4.32 -1.10 10.60
N ARG A 46 -3.63 -2.18 10.94
CA ARG A 46 -2.90 -3.00 9.97
C ARG A 46 -2.95 -4.46 10.39
N ASN A 47 -2.62 -5.36 9.46
CA ASN A 47 -2.61 -6.79 9.75
C ASN A 47 -1.27 -7.29 10.30
N ALA A 48 -1.32 -8.41 10.99
CA ALA A 48 -0.11 -9.06 11.49
C ALA A 48 0.16 -10.36 10.72
N VAL A 49 1.44 -10.62 10.47
CA VAL A 49 1.86 -11.91 9.94
C VAL A 49 2.69 -12.64 10.99
N ILE A 50 2.30 -13.87 11.31
CA ILE A 50 3.07 -14.69 12.23
C ILE A 50 3.72 -15.84 11.46
N MET A 51 5.02 -16.03 11.72
CA MET A 51 5.81 -17.06 11.05
C MET A 51 6.81 -17.70 12.01
N GLY A 52 7.30 -18.89 11.63
CA GLY A 52 8.40 -19.53 12.33
C GLY A 52 9.71 -18.88 11.95
N ARG A 53 10.74 -19.13 12.77
CA ARG A 53 12.07 -18.56 12.57
C ARG A 53 12.70 -18.95 11.23
N LYS A 54 12.58 -20.22 10.87
CA LYS A 54 13.14 -20.74 9.63
C LYS A 54 12.53 -20.08 8.40
N THR A 55 11.22 -19.86 8.45
CA THR A 55 10.48 -19.19 7.38
C THR A 55 10.95 -17.76 7.22
N TRP A 56 11.12 -17.06 8.35
CA TRP A 56 11.64 -15.69 8.35
C TRP A 56 12.97 -15.62 7.60
N GLU A 57 13.87 -16.54 7.91
CA GLU A 57 15.20 -16.59 7.31
C GLU A 57 15.19 -17.04 5.84
N SER A 58 14.08 -17.60 5.38
CA SER A 58 13.94 -18.04 4.00
C SER A 58 13.45 -16.92 3.07
N ILE A 59 12.85 -15.88 3.65
CA ILE A 59 12.33 -14.74 2.87
C ILE A 59 13.50 -13.95 2.27
N PRO A 60 13.42 -13.63 0.96
CA PRO A 60 14.44 -12.82 0.30
C PRO A 60 14.79 -11.56 1.10
N GLN A 61 16.09 -11.25 1.15
CA GLN A 61 16.62 -10.17 1.99
C GLN A 61 15.80 -8.88 1.89
N LYS A 62 15.51 -8.44 0.68
CA LYS A 62 14.84 -7.17 0.45
C LYS A 62 13.32 -7.24 0.54
N PHE A 63 12.80 -8.45 0.78
CA PHE A 63 11.36 -8.64 1.02
C PHE A 63 11.02 -8.72 2.51
N ARG A 64 12.03 -8.80 3.38
CA ARG A 64 11.78 -8.85 4.82
C ARG A 64 12.36 -7.63 5.55
N PRO A 65 11.58 -7.07 6.51
CA PRO A 65 10.22 -7.50 6.87
C PRO A 65 9.22 -7.22 5.74
N LEU A 66 8.13 -7.98 5.72
CA LEU A 66 7.08 -7.79 4.72
C LEU A 66 6.39 -6.45 4.98
N PRO A 67 6.47 -5.53 4.01
CA PRO A 67 5.98 -4.15 4.18
C PRO A 67 4.47 -4.07 4.42
N ASP A 68 4.06 -3.01 5.11
CA ASP A 68 2.64 -2.71 5.39
C ASP A 68 1.97 -3.68 6.38
N ARG A 69 2.78 -4.53 7.01
CA ARG A 69 2.31 -5.56 7.93
C ARG A 69 3.22 -5.71 9.14
N LEU A 70 2.62 -6.04 10.28
CA LEU A 70 3.39 -6.31 11.48
C LEU A 70 3.89 -7.75 11.45
N ASN A 71 5.21 -7.91 11.54
CA ASN A 71 5.84 -9.22 11.48
C ASN A 71 6.10 -9.78 12.87
N ILE A 72 5.62 -11.00 13.10
CA ILE A 72 5.88 -11.71 14.35
C ILE A 72 6.67 -12.97 14.04
N ILE A 73 7.86 -13.08 14.62
CA ILE A 73 8.71 -14.24 14.40
C ILE A 73 8.70 -15.13 15.65
N LEU A 74 8.50 -16.43 15.43
CA LEU A 74 8.39 -17.38 16.53
C LEU A 74 9.64 -18.22 16.69
N SER A 75 10.12 -18.26 17.92
CA SER A 75 11.21 -19.15 18.32
C SER A 75 10.98 -19.51 19.77
N ARG A 76 11.32 -20.74 20.12
CA ARG A 76 11.20 -21.20 21.49
C ARG A 76 12.30 -20.61 22.37
N SER A 77 13.18 -19.83 21.76
CA SER A 77 14.27 -19.13 22.44
C SER A 77 13.95 -17.64 22.67
N TYR A 78 12.88 -17.16 22.04
CA TYR A 78 12.58 -15.72 22.06
C TYR A 78 11.93 -15.23 23.34
N GLU A 79 12.31 -14.01 23.73
CA GLU A 79 11.62 -13.27 24.75
C GLU A 79 10.51 -12.51 24.05
N ASN A 80 9.36 -12.36 24.73
CA ASN A 80 8.28 -11.53 24.20
C ASN A 80 8.72 -10.05 24.18
N GLU A 81 9.13 -9.59 23.01
CA GLU A 81 9.73 -8.25 22.88
C GLU A 81 9.48 -7.60 21.52
N ILE A 82 9.47 -6.26 21.52
CA ILE A 82 9.29 -5.46 20.30
C ILE A 82 10.66 -5.00 19.81
N ILE A 83 11.13 -5.57 18.70
CA ILE A 83 12.44 -5.22 18.14
C ILE A 83 12.42 -3.80 17.56
N ASP A 84 11.53 -3.56 16.60
CA ASP A 84 11.27 -2.22 16.08
C ASP A 84 9.79 -2.06 15.74
N ASP A 85 9.45 -1.06 14.92
CA ASP A 85 8.07 -0.74 14.58
C ASP A 85 7.37 -1.82 13.75
N ASN A 86 8.16 -2.66 13.08
CA ASN A 86 7.63 -3.67 12.16
C ASN A 86 7.85 -5.11 12.61
N ILE A 87 8.74 -5.31 13.58
CA ILE A 87 9.17 -6.65 13.98
C ILE A 87 8.94 -6.93 15.47
N ILE A 88 8.33 -8.08 15.74
CA ILE A 88 8.12 -8.56 17.10
C ILE A 88 8.68 -9.98 17.22
N HIS A 89 9.34 -10.25 18.33
CA HIS A 89 9.82 -11.59 18.66
C HIS A 89 8.97 -12.18 19.79
N ALA A 90 8.56 -13.45 19.63
CA ALA A 90 7.69 -14.11 20.59
C ALA A 90 7.93 -15.61 20.67
N SER A 91 7.49 -16.22 21.77
CA SER A 91 7.59 -17.67 21.97
C SER A 91 6.25 -18.39 21.80
N SER A 92 5.19 -17.63 21.51
CA SER A 92 3.86 -18.19 21.25
C SER A 92 2.94 -17.15 20.61
N ILE A 93 1.92 -17.62 19.91
CA ILE A 93 0.87 -16.75 19.39
C ILE A 93 0.09 -16.10 20.54
N GLU A 94 -0.04 -16.85 21.64
CA GLU A 94 -0.75 -16.39 22.83
C GLU A 94 -0.11 -15.12 23.38
N SER A 95 1.22 -15.13 23.44
CA SER A 95 2.00 -14.01 23.95
C SER A 95 2.04 -12.83 22.99
N SER A 96 2.26 -13.13 21.71
CA SER A 96 2.39 -12.09 20.68
C SER A 96 1.13 -11.23 20.53
N LEU A 97 -0.03 -11.83 20.71
CA LEU A 97 -1.31 -11.12 20.67
C LEU A 97 -1.45 -10.14 21.83
N ASN A 98 -0.96 -10.55 23.01
CA ASN A 98 -0.97 -9.70 24.20
C ASN A 98 0.03 -8.54 24.11
N LEU A 99 0.97 -8.65 23.18
CA LEU A 99 1.97 -7.61 22.94
C LEU A 99 1.52 -6.69 21.80
N VAL A 100 0.60 -7.21 21.00
CA VAL A 100 0.02 -6.50 19.87
C VAL A 100 -0.93 -5.38 20.30
N SER A 101 -0.88 -4.26 19.60
CA SER A 101 -1.84 -3.17 19.78
C SER A 101 -2.45 -2.73 18.43
N ASP A 102 -3.78 -2.71 18.39
CA ASP A 102 -4.56 -2.26 17.22
C ASP A 102 -4.28 -3.05 15.93
N VAL A 103 -4.32 -4.37 16.02
CA VAL A 103 -4.22 -5.25 14.86
C VAL A 103 -5.61 -5.79 14.50
N GLU A 104 -5.94 -5.70 13.21
CA GLU A 104 -7.22 -6.17 12.70
C GLU A 104 -7.22 -7.68 12.46
N ARG A 105 -6.33 -8.15 11.59
CA ARG A 105 -6.27 -9.57 11.21
C ARG A 105 -4.89 -10.16 11.38
N VAL A 106 -4.86 -11.42 11.81
CA VAL A 106 -3.62 -12.14 12.04
C VAL A 106 -3.53 -13.31 11.06
N PHE A 107 -2.42 -13.39 10.33
CA PHE A 107 -2.21 -14.46 9.37
C PHE A 107 -1.00 -15.31 9.71
N ILE A 108 -1.22 -16.62 9.82
CA ILE A 108 -0.15 -17.58 9.98
C ILE A 108 0.35 -17.94 8.58
N ILE A 109 1.61 -17.65 8.31
CA ILE A 109 2.14 -17.74 6.94
C ILE A 109 3.25 -18.79 6.76
N GLY A 110 3.49 -19.59 7.81
CA GLY A 110 4.49 -20.67 7.72
C GLY A 110 5.42 -20.77 8.92
N GLY A 111 6.20 -21.86 8.99
CA GLY A 111 6.19 -22.93 7.99
C GLY A 111 5.52 -24.19 8.49
N ALA A 112 6.05 -25.35 8.07
CA ALA A 112 5.46 -26.66 8.34
C ALA A 112 5.20 -26.96 9.82
N GLU A 113 6.18 -26.66 10.68
CA GLU A 113 6.04 -26.89 12.12
C GLU A 113 5.00 -25.96 12.75
N ILE A 114 4.99 -24.71 12.29
CA ILE A 114 4.03 -23.70 12.77
C ILE A 114 2.61 -24.05 12.33
N TYR A 115 2.44 -24.41 11.06
CA TYR A 115 1.15 -24.86 10.53
C TYR A 115 0.60 -26.05 11.31
N ASN A 116 1.38 -27.13 11.38
CA ASN A 116 0.94 -28.39 11.97
C ASN A 116 0.64 -28.34 13.47
N GLU A 117 1.02 -27.26 14.13
CA GLU A 117 0.67 -27.04 15.54
C GLU A 117 -0.55 -26.14 15.68
N LEU A 118 -0.48 -24.97 15.04
CA LEU A 118 -1.52 -23.96 15.18
C LEU A 118 -2.87 -24.35 14.55
N ILE A 119 -2.86 -25.36 13.68
CA ILE A 119 -4.08 -25.90 13.08
C ILE A 119 -5.07 -26.39 14.15
N ASN A 120 -4.52 -26.93 15.24
CA ASN A 120 -5.33 -27.43 16.35
C ASN A 120 -5.42 -26.46 17.52
N ASN A 121 -5.03 -25.21 17.28
CA ASN A 121 -5.17 -24.13 18.27
C ASN A 121 -6.48 -23.37 18.04
N SER A 122 -7.32 -23.32 19.08
CA SER A 122 -8.67 -22.78 18.98
C SER A 122 -8.77 -21.28 18.68
N LEU A 123 -7.64 -20.58 18.77
CA LEU A 123 -7.58 -19.16 18.38
C LEU A 123 -7.69 -19.00 16.86
N VAL A 124 -7.27 -20.05 16.13
CA VAL A 124 -7.35 -20.07 14.67
C VAL A 124 -8.76 -20.48 14.25
N SER A 125 -9.45 -19.55 13.59
CA SER A 125 -10.85 -19.77 13.20
C SER A 125 -11.05 -19.92 11.69
N HIS A 126 -9.98 -19.69 10.92
CA HIS A 126 -10.07 -19.72 9.46
C HIS A 126 -8.87 -20.37 8.79
N LEU A 127 -9.12 -21.05 7.67
CA LEU A 127 -8.05 -21.54 6.81
C LEU A 127 -8.22 -20.95 5.42
N LEU A 128 -7.16 -20.34 4.92
CA LEU A 128 -7.10 -19.87 3.54
C LEU A 128 -6.16 -20.80 2.79
N ILE A 129 -6.74 -21.81 2.13
CA ILE A 129 -5.93 -22.81 1.45
C ILE A 129 -6.02 -22.65 -0.06
N THR A 130 -4.90 -22.28 -0.67
CA THR A 130 -4.78 -22.33 -2.12
C THR A 130 -4.49 -23.79 -2.51
N GLU A 131 -5.52 -24.48 -2.99
CA GLU A 131 -5.39 -25.86 -3.40
C GLU A 131 -4.81 -25.96 -4.80
N ILE A 132 -3.66 -26.62 -4.92
CA ILE A 132 -2.94 -26.74 -6.17
C ILE A 132 -3.05 -28.17 -6.72
N GLU A 133 -3.26 -28.27 -8.03
CA GLU A 133 -3.36 -29.55 -8.73
C GLU A 133 -2.30 -29.71 -9.80
N HIS A 134 -1.92 -30.97 -10.06
CA HIS A 134 -0.97 -31.32 -11.11
C HIS A 134 -1.37 -32.66 -11.70
N PRO A 135 -1.32 -32.79 -13.05
CA PRO A 135 -1.63 -34.04 -13.75
C PRO A 135 -0.96 -35.28 -13.15
N SER A 136 0.29 -35.11 -12.71
CA SER A 136 1.05 -36.17 -12.05
C SER A 136 1.71 -35.67 -10.77
N PRO A 137 0.98 -35.73 -9.63
CA PRO A 137 1.44 -35.18 -8.35
C PRO A 137 2.68 -35.87 -7.77
N GLU A 138 2.79 -37.18 -8.00
CA GLU A 138 3.89 -37.99 -7.45
C GLU A 138 5.26 -37.72 -8.08
N SER A 139 5.27 -37.09 -9.26
CA SER A 139 6.50 -36.88 -10.03
C SER A 139 7.25 -35.61 -9.61
N ILE A 140 6.74 -34.93 -8.59
CA ILE A 140 7.37 -33.71 -8.07
C ILE A 140 7.93 -34.01 -6.68
N GLU A 141 9.21 -33.70 -6.48
CA GLU A 141 9.92 -33.95 -5.23
C GLU A 141 9.25 -33.22 -4.06
N MET A 142 8.99 -33.95 -2.97
CA MET A 142 8.26 -33.41 -1.83
C MET A 142 8.65 -34.13 -0.54
N ASP A 143 8.95 -33.37 0.51
CA ASP A 143 9.24 -33.96 1.83
C ASP A 143 8.38 -33.45 3.00
N THR A 144 8.00 -32.17 2.97
CA THR A 144 7.22 -31.56 4.04
C THR A 144 5.73 -31.46 3.67
N PHE A 145 4.88 -31.93 4.58
CA PHE A 145 3.45 -32.03 4.34
C PHE A 145 2.62 -31.39 5.45
N LEU A 146 1.42 -30.93 5.11
CA LEU A 146 0.47 -30.44 6.09
C LEU A 146 -0.22 -31.61 6.78
N LYS A 147 -0.43 -31.48 8.09
CA LYS A 147 -1.17 -32.47 8.87
C LYS A 147 -2.48 -31.84 9.34
N PHE A 148 -3.40 -31.66 8.40
CA PHE A 148 -4.66 -30.95 8.65
C PHE A 148 -5.83 -31.94 8.75
N PRO A 149 -6.50 -31.97 9.91
CA PRO A 149 -7.74 -32.74 10.04
C PRO A 149 -8.89 -31.99 9.39
N LEU A 150 -8.87 -31.94 8.05
CA LEU A 150 -9.86 -31.19 7.29
C LEU A 150 -11.28 -31.74 7.40
N GLU A 151 -11.41 -32.96 7.91
CA GLU A 151 -12.70 -33.58 8.25
C GLU A 151 -13.42 -32.75 9.33
N SER A 152 -12.65 -32.10 10.19
CA SER A 152 -13.17 -31.27 11.28
C SER A 152 -13.45 -29.84 10.84
N TRP A 153 -13.14 -29.54 9.59
CA TRP A 153 -13.34 -28.21 9.02
C TRP A 153 -14.37 -28.26 7.89
N THR A 154 -14.91 -27.08 7.56
CA THR A 154 -15.91 -26.96 6.51
C THR A 154 -15.44 -26.00 5.42
N LYS A 155 -15.37 -26.49 4.19
CA LYS A 155 -15.08 -25.64 3.03
C LYS A 155 -16.27 -24.74 2.79
N GLN A 156 -16.02 -23.43 2.84
CA GLN A 156 -17.07 -22.43 2.65
C GLN A 156 -17.33 -22.17 1.17
N PRO A 157 -18.50 -21.62 0.83
CA PRO A 157 -18.73 -21.19 -0.56
C PRO A 157 -17.80 -20.05 -0.95
N LYS A 158 -17.64 -19.83 -2.25
CA LYS A 158 -16.79 -18.76 -2.79
C LYS A 158 -17.22 -17.37 -2.31
N SER A 159 -18.52 -17.18 -2.12
CA SER A 159 -19.08 -15.89 -1.70
C SER A 159 -18.63 -15.47 -0.30
N GLU A 160 -18.38 -16.45 0.57
CA GLU A 160 -17.84 -16.18 1.90
C GLU A 160 -16.37 -15.78 1.83
N LEU A 161 -15.64 -16.39 0.89
CA LEU A 161 -14.25 -16.01 0.62
C LEU A 161 -14.20 -14.61 0.00
N GLN A 162 -15.14 -14.32 -0.90
CA GLN A 162 -15.25 -13.03 -1.56
C GLN A 162 -15.51 -11.88 -0.55
N LYS A 163 -16.37 -12.15 0.44
CA LYS A 163 -16.60 -11.22 1.54
C LYS A 163 -15.32 -10.98 2.34
N PHE A 164 -14.58 -12.05 2.58
CA PHE A 164 -13.34 -12.01 3.37
C PHE A 164 -12.26 -11.17 2.69
N VAL A 165 -12.06 -11.40 1.39
CA VAL A 165 -11.03 -10.72 0.61
C VAL A 165 -11.47 -9.36 0.05
N GLY A 166 -12.73 -9.01 0.28
CA GLY A 166 -13.29 -7.74 -0.21
C GLY A 166 -13.38 -7.66 -1.72
N ASP A 167 -12.74 -6.64 -2.28
CA ASP A 167 -12.81 -6.37 -3.72
C ASP A 167 -11.69 -7.07 -4.52
N THR A 168 -11.04 -8.06 -3.90
CA THR A 168 -9.96 -8.82 -4.55
C THR A 168 -10.52 -9.77 -5.60
N VAL A 169 -9.82 -9.84 -6.74
CA VAL A 169 -10.22 -10.69 -7.86
C VAL A 169 -9.95 -12.16 -7.54
N LEU A 170 -11.01 -12.97 -7.58
CA LEU A 170 -10.91 -14.40 -7.35
C LEU A 170 -11.25 -15.18 -8.61
N GLU A 171 -10.21 -15.54 -9.37
CA GLU A 171 -10.38 -16.28 -10.62
C GLU A 171 -10.44 -17.78 -10.37
N ASP A 172 -11.10 -18.49 -11.29
CA ASP A 172 -11.22 -19.94 -11.21
C ASP A 172 -10.12 -20.64 -12.00
N ASP A 173 -9.69 -21.80 -11.50
CA ASP A 173 -8.74 -22.67 -12.18
C ASP A 173 -7.58 -21.91 -12.84
N ILE A 174 -6.79 -21.23 -12.01
CA ILE A 174 -5.65 -20.45 -12.49
C ILE A 174 -4.54 -21.40 -12.94
N LYS A 175 -4.25 -21.36 -14.23
CA LYS A 175 -3.31 -22.31 -14.83
C LYS A 175 -1.96 -21.64 -15.08
N GLU A 176 -0.96 -22.03 -14.28
CA GLU A 176 0.41 -21.57 -14.48
C GLU A 176 1.31 -22.78 -14.72
N GLY A 177 1.68 -22.99 -15.98
CA GLY A 177 2.39 -24.19 -16.39
C GLY A 177 1.47 -25.39 -16.37
N ASP A 178 1.90 -26.45 -15.68
CA ASP A 178 1.09 -27.65 -15.51
C ASP A 178 0.25 -27.59 -14.23
N PHE A 179 0.56 -26.64 -13.36
CA PHE A 179 -0.18 -26.43 -12.12
C PHE A 179 -1.51 -25.73 -12.37
N THR A 180 -2.54 -26.15 -11.64
CA THR A 180 -3.84 -25.47 -11.63
C THR A 180 -4.24 -25.24 -10.17
N TYR A 181 -4.69 -24.05 -9.84
CA TYR A 181 -5.03 -23.74 -8.44
C TYR A 181 -6.27 -22.90 -8.21
N ASN A 182 -6.86 -23.08 -7.03
CA ASN A 182 -8.04 -22.34 -6.60
C ASN A 182 -7.92 -21.90 -5.15
N TYR A 183 -8.52 -20.76 -4.84
CA TYR A 183 -8.52 -20.23 -3.47
C TYR A 183 -9.76 -20.69 -2.74
N THR A 184 -9.59 -21.15 -1.50
CA THR A 184 -10.71 -21.64 -0.69
C THR A 184 -10.64 -21.18 0.77
N LEU A 185 -11.81 -21.09 1.40
CA LEU A 185 -11.92 -20.70 2.81
C LEU A 185 -12.52 -21.84 3.62
N TRP A 186 -11.99 -22.04 4.83
CA TRP A 186 -12.47 -23.08 5.74
C TRP A 186 -12.76 -22.50 7.12
N THR A 187 -13.81 -23.00 7.76
CA THR A 187 -14.13 -22.67 9.15
C THR A 187 -14.30 -23.93 10.00
N ARG A 188 -14.24 -23.77 11.31
CA ARG A 188 -14.41 -24.89 12.23
C ARG A 188 -15.88 -25.31 12.35
N LYS A 189 -16.11 -26.62 12.39
CA LYS A 189 -17.45 -27.19 12.55
C LYS A 189 -18.01 -26.91 13.95
N PRO B 1 13.39 27.37 0.56
CA PRO B 1 12.70 26.86 -0.62
C PRO B 1 11.18 27.10 -0.57
N ASN B 2 10.59 27.31 -1.74
CA ASN B 2 9.15 27.53 -1.86
C ASN B 2 8.39 26.22 -1.74
N VAL B 3 7.44 26.16 -0.80
CA VAL B 3 6.68 24.93 -0.54
C VAL B 3 5.22 25.09 -0.93
N ALA B 4 4.74 24.17 -1.77
CA ALA B 4 3.37 24.23 -2.29
C ALA B 4 2.67 22.86 -2.28
N ILE B 5 1.34 22.89 -2.25
CA ILE B 5 0.53 21.68 -2.43
C ILE B 5 -0.01 21.67 -3.86
N ILE B 6 0.14 20.54 -4.54
CA ILE B 6 -0.44 20.36 -5.87
C ILE B 6 -1.42 19.19 -5.86
N VAL B 7 -2.60 19.41 -6.45
CA VAL B 7 -3.73 18.48 -6.36
C VAL B 7 -4.83 18.80 -7.39
N ALA B 8 -5.55 17.77 -7.81
CA ALA B 8 -6.74 17.92 -8.64
C ALA B 8 -7.96 17.39 -7.87
N ALA B 9 -9.02 18.19 -7.82
CA ALA B 9 -10.20 17.87 -7.02
C ALA B 9 -11.51 18.33 -7.67
N LEU B 10 -12.59 17.62 -7.35
CA LEU B 10 -13.91 17.88 -7.94
C LEU B 10 -14.77 18.81 -7.09
N LYS B 11 -15.08 19.98 -7.63
CA LYS B 11 -15.93 20.96 -6.96
C LYS B 11 -17.38 20.48 -6.85
N PRO B 12 -18.09 20.87 -5.76
CA PRO B 12 -17.60 21.69 -4.65
C PRO B 12 -17.07 20.88 -3.46
N ALA B 13 -17.38 19.59 -3.42
CA ALA B 13 -17.03 18.72 -2.29
C ALA B 13 -15.52 18.53 -2.11
N LEU B 14 -14.77 18.72 -3.20
CA LEU B 14 -13.31 18.53 -3.24
C LEU B 14 -12.90 17.07 -3.02
N GLY B 15 -13.61 16.15 -3.67
CA GLY B 15 -13.25 14.73 -3.66
C GLY B 15 -12.02 14.48 -4.50
N ILE B 16 -11.24 13.47 -4.12
CA ILE B 16 -9.96 13.18 -4.79
C ILE B 16 -9.72 11.69 -5.07
N GLY B 17 -10.61 10.83 -4.57
CA GLY B 17 -10.44 9.39 -4.77
C GLY B 17 -11.60 8.52 -4.32
N TYR B 18 -11.64 7.30 -4.86
CA TYR B 18 -12.62 6.29 -4.48
C TYR B 18 -11.98 4.91 -4.53
N LYS B 19 -12.01 4.21 -3.39
CA LYS B 19 -11.34 2.91 -3.21
C LYS B 19 -9.85 2.98 -3.60
N GLY B 20 -9.13 3.90 -2.98
CA GLY B 20 -7.68 4.02 -3.15
C GLY B 20 -7.16 4.44 -4.51
N LYS B 21 -8.06 4.88 -5.39
CA LYS B 21 -7.67 5.38 -6.71
C LYS B 21 -8.53 6.56 -7.18
N MET B 22 -7.96 7.38 -8.06
CA MET B 22 -8.62 8.56 -8.59
C MET B 22 -9.75 8.17 -9.55
N PRO B 23 -10.92 8.83 -9.45
CA PRO B 23 -12.08 8.48 -10.29
C PRO B 23 -12.07 9.14 -11.67
N TRP B 24 -10.91 9.65 -12.08
CA TRP B 24 -10.73 10.29 -13.38
C TRP B 24 -9.34 10.00 -13.93
N ARG B 25 -9.17 10.22 -15.23
CA ARG B 25 -7.86 10.24 -15.84
C ARG B 25 -7.81 11.37 -16.86
N LEU B 26 -7.16 12.47 -16.49
CA LEU B 26 -7.15 13.69 -17.28
C LEU B 26 -5.81 13.86 -18.00
N ARG B 27 -5.81 13.51 -19.29
CA ARG B 27 -4.60 13.44 -20.13
C ARG B 27 -3.70 14.66 -20.01
N LYS B 28 -4.30 15.85 -20.17
CA LYS B 28 -3.57 17.12 -20.18
C LYS B 28 -3.07 17.49 -18.79
N GLU B 29 -3.84 17.10 -17.77
CA GLU B 29 -3.50 17.40 -16.37
C GLU B 29 -2.28 16.63 -15.90
N ILE B 30 -2.11 15.42 -16.43
CA ILE B 30 -0.93 14.59 -16.14
C ILE B 30 0.34 15.26 -16.66
N ARG B 31 0.22 15.87 -17.84
CA ARG B 31 1.33 16.59 -18.48
C ARG B 31 1.68 17.86 -17.70
N TYR B 32 0.66 18.62 -17.31
CA TYR B 32 0.80 19.81 -16.48
C TYR B 32 1.55 19.49 -15.18
N PHE B 33 1.09 18.44 -14.49
CA PHE B 33 1.69 17.95 -13.25
C PHE B 33 3.19 17.70 -13.40
N LYS B 34 3.58 17.02 -14.48
CA LYS B 34 4.98 16.71 -14.75
C LYS B 34 5.82 17.98 -14.94
N ASP B 35 5.31 18.90 -15.76
CA ASP B 35 6.05 20.11 -16.13
C ASP B 35 6.27 21.05 -14.96
N VAL B 36 5.21 21.33 -14.23
CA VAL B 36 5.27 22.23 -13.07
C VAL B 36 6.15 21.66 -11.95
N THR B 37 6.05 20.36 -11.69
CA THR B 37 6.84 19.72 -10.61
C THR B 37 8.32 19.60 -10.94
N THR B 38 8.67 19.57 -12.23
CA THR B 38 10.06 19.40 -12.64
C THR B 38 10.80 20.73 -12.85
N ARG B 39 10.11 21.69 -13.47
CA ARG B 39 10.70 22.95 -13.92
C ARG B 39 11.36 23.77 -12.81
N THR B 40 12.63 24.11 -13.01
CA THR B 40 13.37 24.97 -12.09
C THR B 40 13.81 26.26 -12.80
N THR B 41 13.98 27.33 -12.03
CA THR B 41 14.41 28.62 -12.58
C THR B 41 15.90 28.88 -12.32
N LYS B 42 16.32 28.67 -11.08
CA LYS B 42 17.71 28.91 -10.67
C LYS B 42 18.63 27.77 -11.12
N PRO B 43 19.92 28.07 -11.33
CA PRO B 43 20.89 27.01 -11.66
C PRO B 43 21.30 26.22 -10.41
N ASN B 44 21.89 25.04 -10.63
CA ASN B 44 22.35 24.14 -9.56
C ASN B 44 21.25 23.74 -8.58
N THR B 45 20.01 23.63 -9.07
CA THR B 45 18.87 23.23 -8.25
C THR B 45 17.99 22.21 -8.94
N ARG B 46 17.36 21.37 -8.13
CA ARG B 46 16.27 20.51 -8.59
C ARG B 46 15.05 20.74 -7.72
N ASN B 47 13.90 20.25 -8.16
CA ASN B 47 12.69 20.33 -7.36
C ASN B 47 12.46 19.04 -6.59
N ALA B 48 11.83 19.16 -5.42
CA ALA B 48 11.48 18.01 -4.61
C ALA B 48 9.97 17.78 -4.64
N VAL B 49 9.58 16.50 -4.58
CA VAL B 49 8.19 16.12 -4.37
C VAL B 49 8.04 15.32 -3.08
N ILE B 50 7.02 15.66 -2.29
CA ILE B 50 6.76 14.96 -1.03
C ILE B 50 5.44 14.22 -1.12
N MET B 51 5.44 12.98 -0.64
CA MET B 51 4.26 12.13 -0.66
C MET B 51 4.23 11.21 0.55
N GLY B 52 3.04 10.69 0.86
CA GLY B 52 2.88 9.69 1.92
C GLY B 52 3.29 8.30 1.46
N ARG B 53 3.58 7.43 2.43
CA ARG B 53 4.00 6.05 2.17
C ARG B 53 3.04 5.27 1.27
N LYS B 54 1.73 5.45 1.48
CA LYS B 54 0.71 4.74 0.69
C LYS B 54 0.69 5.21 -0.77
N THR B 55 0.88 6.51 -0.96
CA THR B 55 0.88 7.12 -2.30
C THR B 55 2.08 6.65 -3.13
N TRP B 56 3.23 6.57 -2.48
CA TRP B 56 4.46 6.08 -3.10
C TRP B 56 4.29 4.63 -3.57
N GLU B 57 3.63 3.83 -2.74
CA GLU B 57 3.37 2.42 -3.06
C GLU B 57 2.28 2.24 -4.11
N SER B 58 1.42 3.25 -4.25
CA SER B 58 0.35 3.20 -5.25
C SER B 58 0.87 3.42 -6.67
N ILE B 59 2.01 4.12 -6.76
CA ILE B 59 2.71 4.36 -8.02
C ILE B 59 3.46 3.08 -8.44
N PRO B 60 3.22 2.62 -9.68
CA PRO B 60 3.85 1.39 -10.21
C PRO B 60 5.38 1.47 -10.30
N GLN B 61 6.05 0.36 -10.00
CA GLN B 61 7.52 0.30 -9.89
C GLN B 61 8.28 0.92 -11.07
N LYS B 62 7.66 0.91 -12.24
CA LYS B 62 8.25 1.43 -13.47
C LYS B 62 8.34 2.96 -13.45
N PHE B 63 7.55 3.59 -12.59
CA PHE B 63 7.47 5.05 -12.52
C PHE B 63 8.14 5.65 -11.29
N ARG B 64 8.53 4.82 -10.33
CA ARG B 64 9.20 5.33 -9.12
C ARG B 64 10.71 5.05 -9.08
N PRO B 65 11.52 6.06 -8.72
CA PRO B 65 11.12 7.42 -8.34
C PRO B 65 10.74 8.26 -9.57
N LEU B 66 10.05 9.37 -9.35
CA LEU B 66 9.67 10.28 -10.42
C LEU B 66 10.92 11.02 -10.91
N PRO B 67 11.30 10.81 -12.18
CA PRO B 67 12.58 11.27 -12.71
C PRO B 67 12.78 12.78 -12.62
N ASP B 68 14.03 13.19 -12.39
CA ASP B 68 14.45 14.60 -12.34
C ASP B 68 13.94 15.39 -11.11
N ARG B 69 13.29 14.68 -10.19
CA ARG B 69 12.81 15.28 -8.95
C ARG B 69 13.28 14.47 -7.76
N LEU B 70 13.60 15.17 -6.67
CA LEU B 70 13.94 14.52 -5.41
C LEU B 70 12.66 14.00 -4.75
N ASN B 71 12.57 12.68 -4.64
CA ASN B 71 11.37 12.02 -4.10
C ASN B 71 11.50 11.84 -2.59
N ILE B 72 10.73 12.63 -1.84
CA ILE B 72 10.67 12.50 -0.38
C ILE B 72 9.42 11.73 0.00
N ILE B 73 9.59 10.67 0.79
CA ILE B 73 8.47 9.83 1.22
C ILE B 73 8.30 9.92 2.73
N LEU B 74 7.08 10.21 3.17
CA LEU B 74 6.79 10.41 4.58
C LEU B 74 6.15 9.20 5.25
N SER B 75 6.76 8.78 6.36
CA SER B 75 6.20 7.75 7.21
C SER B 75 6.63 8.00 8.65
N ARG B 76 5.73 7.73 9.58
CA ARG B 76 5.97 7.91 11.00
C ARG B 76 6.96 6.88 11.56
N SER B 77 7.22 5.83 10.77
CA SER B 77 8.21 4.81 11.14
C SER B 77 9.61 5.15 10.61
N TYR B 78 9.71 6.15 9.74
CA TYR B 78 11.00 6.49 9.11
C TYR B 78 11.91 7.29 10.02
N GLU B 79 13.20 6.97 9.96
CA GLU B 79 14.23 7.85 10.49
C GLU B 79 14.63 8.77 9.34
N ASN B 80 15.04 9.99 9.64
CA ASN B 80 15.30 11.00 8.62
C ASN B 80 16.63 10.77 7.87
N GLU B 81 16.55 10.01 6.78
CA GLU B 81 17.74 9.56 6.05
C GLU B 81 17.60 9.77 4.54
N ILE B 82 18.71 10.14 3.90
CA ILE B 82 18.83 10.05 2.45
C ILE B 82 19.06 8.57 2.11
N ILE B 83 18.34 8.05 1.13
CA ILE B 83 18.46 6.65 0.72
C ILE B 83 19.47 6.48 -0.41
N ASP B 84 19.23 7.19 -1.52
CA ASP B 84 20.16 7.26 -2.65
C ASP B 84 20.14 8.66 -3.27
N ASP B 85 20.40 8.77 -4.57
CA ASP B 85 20.43 10.06 -5.27
C ASP B 85 19.07 10.74 -5.33
N ASN B 86 18.01 9.95 -5.46
CA ASN B 86 16.69 10.46 -5.77
C ASN B 86 15.64 10.31 -4.67
N ILE B 87 15.97 9.54 -3.63
CA ILE B 87 15.00 9.16 -2.60
C ILE B 87 15.41 9.61 -1.18
N ILE B 88 14.45 10.16 -0.44
CA ILE B 88 14.61 10.51 0.97
C ILE B 88 13.45 9.93 1.78
N HIS B 89 13.79 9.27 2.89
CA HIS B 89 12.81 8.77 3.85
C HIS B 89 12.77 9.69 5.06
N ALA B 90 11.59 10.27 5.33
CA ALA B 90 11.46 11.25 6.41
C ALA B 90 10.21 11.04 7.26
N SER B 91 10.24 11.60 8.46
CA SER B 91 9.13 11.50 9.42
C SER B 91 8.30 12.79 9.49
N SER B 92 8.84 13.87 8.90
CA SER B 92 8.14 15.14 8.81
C SER B 92 8.72 15.99 7.67
N ILE B 93 7.94 16.95 7.18
CA ILE B 93 8.42 17.92 6.18
C ILE B 93 9.62 18.70 6.71
N GLU B 94 9.51 19.23 7.93
CA GLU B 94 10.56 20.02 8.57
C GLU B 94 11.91 19.30 8.55
N SER B 95 11.91 18.03 8.93
CA SER B 95 13.13 17.23 8.95
C SER B 95 13.67 16.96 7.55
N SER B 96 12.77 16.72 6.60
CA SER B 96 13.15 16.39 5.22
C SER B 96 13.79 17.55 4.47
N LEU B 97 13.42 18.77 4.81
CA LEU B 97 13.97 19.96 4.18
C LEU B 97 15.37 20.30 4.72
N ASN B 98 15.64 19.91 5.96
CA ASN B 98 16.93 20.14 6.60
C ASN B 98 18.02 19.14 6.18
N LEU B 99 17.63 18.10 5.45
CA LEU B 99 18.56 17.04 5.05
C LEU B 99 19.41 17.39 3.84
N VAL B 100 18.80 17.99 2.82
CA VAL B 100 19.49 18.32 1.58
C VAL B 100 19.24 19.77 1.16
N SER B 101 20.28 20.40 0.61
CA SER B 101 20.15 21.68 -0.10
C SER B 101 19.71 21.39 -1.54
N ASP B 102 20.19 22.19 -2.50
CA ASP B 102 19.91 21.95 -3.93
C ASP B 102 18.43 22.00 -4.34
N VAL B 103 17.54 22.28 -3.39
CA VAL B 103 16.10 22.27 -3.64
C VAL B 103 15.55 23.69 -3.82
N GLU B 104 14.98 23.94 -5.00
CA GLU B 104 14.35 25.23 -5.29
C GLU B 104 12.90 25.24 -4.81
N ARG B 105 12.10 24.32 -5.34
CA ARG B 105 10.68 24.23 -5.00
C ARG B 105 10.30 22.86 -4.47
N VAL B 106 9.35 22.83 -3.54
CA VAL B 106 8.82 21.58 -2.99
C VAL B 106 7.34 21.46 -3.32
N PHE B 107 6.93 20.26 -3.72
CA PHE B 107 5.53 19.99 -4.08
C PHE B 107 4.98 18.79 -3.30
N ILE B 108 3.96 19.05 -2.46
CA ILE B 108 3.23 17.98 -1.79
C ILE B 108 2.25 17.36 -2.79
N ILE B 109 2.38 16.06 -3.04
CA ILE B 109 1.62 15.41 -4.11
C ILE B 109 0.62 14.34 -3.65
N GLY B 110 0.35 14.29 -2.33
CA GLY B 110 -0.63 13.34 -1.78
C GLY B 110 -0.08 12.42 -0.70
N GLY B 111 -0.95 11.60 -0.11
CA GLY B 111 -2.36 11.54 -0.47
C GLY B 111 -3.25 12.37 0.44
N ALA B 112 -4.48 11.90 0.64
CA ALA B 112 -5.48 12.60 1.44
C ALA B 112 -4.98 12.96 2.83
N GLU B 113 -4.50 11.97 3.56
CA GLU B 113 -4.04 12.16 4.94
C GLU B 113 -2.89 13.17 4.99
N ILE B 114 -1.98 13.07 4.02
CA ILE B 114 -0.88 14.03 3.90
C ILE B 114 -1.40 15.43 3.57
N TYR B 115 -2.32 15.53 2.61
CA TYR B 115 -2.90 16.81 2.23
C TYR B 115 -3.51 17.53 3.44
N ASN B 116 -4.37 16.82 4.16
CA ASN B 116 -5.12 17.40 5.28
C ASN B 116 -4.28 17.72 6.50
N GLU B 117 -3.13 17.05 6.63
CA GLU B 117 -2.16 17.41 7.67
C GLU B 117 -1.52 18.74 7.30
N LEU B 118 -0.89 18.78 6.14
CA LEU B 118 -0.01 19.89 5.76
C LEU B 118 -0.71 21.19 5.36
N ILE B 119 -1.98 21.10 4.99
CA ILE B 119 -2.76 22.30 4.64
C ILE B 119 -2.65 23.41 5.70
N ASN B 120 -2.57 23.02 6.96
CA ASN B 120 -2.50 23.97 8.06
C ASN B 120 -1.09 24.20 8.59
N ASN B 121 -0.11 23.60 7.93
CA ASN B 121 1.31 23.85 8.22
C ASN B 121 1.74 25.12 7.48
N SER B 122 2.38 26.03 8.21
CA SER B 122 2.72 27.35 7.68
C SER B 122 3.89 27.36 6.68
N LEU B 123 4.58 26.23 6.56
CA LEU B 123 5.60 26.06 5.52
C LEU B 123 4.96 26.10 4.14
N VAL B 124 3.74 25.57 4.04
CA VAL B 124 2.97 25.62 2.80
C VAL B 124 2.47 27.04 2.57
N SER B 125 2.98 27.67 1.51
CA SER B 125 2.63 29.05 1.18
C SER B 125 1.78 29.18 -0.08
N HIS B 126 1.73 28.11 -0.88
CA HIS B 126 0.98 28.13 -2.14
C HIS B 126 0.13 26.86 -2.31
N LEU B 127 -1.01 27.01 -2.97
CA LEU B 127 -1.80 25.84 -3.41
C LEU B 127 -2.05 25.91 -4.91
N LEU B 128 -1.59 24.91 -5.64
CA LEU B 128 -1.89 24.78 -7.07
C LEU B 128 -2.96 23.72 -7.25
N ILE B 129 -4.21 24.18 -7.23
CA ILE B 129 -5.36 23.28 -7.24
C ILE B 129 -6.00 23.25 -8.60
N THR B 130 -5.99 22.07 -9.23
CA THR B 130 -6.71 21.85 -10.46
C THR B 130 -8.19 21.61 -10.13
N GLU B 131 -9.01 22.64 -10.38
CA GLU B 131 -10.43 22.58 -10.10
C GLU B 131 -11.19 21.87 -11.20
N ILE B 132 -11.69 20.68 -10.88
CA ILE B 132 -12.45 19.84 -11.82
C ILE B 132 -13.94 20.06 -11.63
N GLU B 133 -14.67 20.17 -12.75
CA GLU B 133 -16.12 20.37 -12.71
C GLU B 133 -16.88 19.35 -13.54
N HIS B 134 -18.08 19.01 -13.08
CA HIS B 134 -18.93 18.01 -13.70
C HIS B 134 -20.38 18.51 -13.67
N PRO B 135 -21.16 18.28 -14.75
CA PRO B 135 -22.59 18.63 -14.75
C PRO B 135 -23.37 17.90 -13.67
N SER B 136 -22.98 16.66 -13.39
CA SER B 136 -23.61 15.84 -12.36
C SER B 136 -22.55 15.37 -11.34
N PRO B 137 -22.13 16.27 -10.42
CA PRO B 137 -21.04 15.97 -9.49
C PRO B 137 -21.36 14.82 -8.52
N GLU B 138 -22.61 14.76 -8.08
CA GLU B 138 -23.04 13.79 -7.06
C GLU B 138 -23.06 12.34 -7.54
N SER B 139 -23.15 12.15 -8.86
CA SER B 139 -23.21 10.82 -9.47
C SER B 139 -21.92 10.01 -9.33
N ILE B 140 -20.78 10.70 -9.33
CA ILE B 140 -19.47 10.06 -9.24
C ILE B 140 -19.18 9.58 -7.82
N GLU B 141 -18.84 8.30 -7.70
CA GLU B 141 -18.52 7.69 -6.41
C GLU B 141 -17.24 8.26 -5.83
N MET B 142 -17.27 8.61 -4.54
CA MET B 142 -16.17 9.28 -3.88
C MET B 142 -16.17 9.00 -2.38
N ASP B 143 -15.04 8.55 -1.85
CA ASP B 143 -14.92 8.24 -0.41
C ASP B 143 -13.88 9.09 0.33
N THR B 144 -12.98 9.72 -0.42
CA THR B 144 -11.95 10.57 0.18
C THR B 144 -12.04 12.01 -0.32
N PHE B 145 -11.96 12.96 0.61
CA PHE B 145 -12.14 14.38 0.32
C PHE B 145 -11.05 15.24 0.93
N LEU B 146 -10.84 16.42 0.36
CA LEU B 146 -9.96 17.41 0.96
C LEU B 146 -10.73 18.22 2.00
N LYS B 147 -10.13 18.38 3.17
CA LYS B 147 -10.68 19.27 4.18
C LYS B 147 -9.84 20.54 4.22
N PHE B 148 -10.17 21.46 3.31
CA PHE B 148 -9.40 22.68 3.12
C PHE B 148 -10.21 23.92 3.52
N PRO B 149 -9.69 24.70 4.48
CA PRO B 149 -10.32 25.99 4.76
C PRO B 149 -9.83 27.03 3.73
N LEU B 150 -10.33 26.91 2.50
CA LEU B 150 -9.93 27.78 1.39
C LEU B 150 -10.39 29.23 1.56
N GLU B 151 -11.38 29.44 2.43
CA GLU B 151 -11.82 30.78 2.78
C GLU B 151 -10.75 31.56 3.54
N SER B 152 -9.72 30.84 4.00
CA SER B 152 -8.53 31.45 4.60
C SER B 152 -7.42 31.65 3.56
N TRP B 153 -7.73 31.38 2.31
CA TRP B 153 -6.80 31.55 1.19
C TRP B 153 -7.38 32.49 0.14
N THR B 154 -6.50 33.06 -0.67
CA THR B 154 -6.89 33.96 -1.77
C THR B 154 -6.58 33.33 -3.12
N LYS B 155 -7.60 33.22 -3.98
CA LYS B 155 -7.41 32.75 -5.35
C LYS B 155 -6.71 33.84 -6.17
N GLN B 156 -5.42 33.62 -6.43
CA GLN B 156 -4.61 34.53 -7.21
C GLN B 156 -5.08 34.54 -8.67
N PRO B 157 -4.95 35.68 -9.37
CA PRO B 157 -5.34 35.74 -10.78
C PRO B 157 -4.45 34.86 -11.66
N LYS B 158 -4.91 34.56 -12.87
CA LYS B 158 -4.18 33.70 -13.81
C LYS B 158 -2.76 34.20 -14.10
N SER B 159 -2.57 35.51 -14.12
CA SER B 159 -1.27 36.12 -14.41
C SER B 159 -0.18 35.79 -13.39
N GLU B 160 -0.58 35.57 -12.15
CA GLU B 160 0.34 35.18 -11.09
C GLU B 160 0.69 33.70 -11.17
N LEU B 161 -0.27 32.90 -11.63
CA LEU B 161 -0.04 31.48 -11.88
C LEU B 161 0.86 31.28 -13.11
N GLN B 162 0.63 32.09 -14.14
CA GLN B 162 1.42 32.08 -15.36
C GLN B 162 2.88 32.45 -15.07
N LYS B 163 3.07 33.42 -14.18
CA LYS B 163 4.40 33.81 -13.71
C LYS B 163 5.10 32.67 -12.99
N PHE B 164 4.32 31.92 -12.20
CA PHE B 164 4.86 30.81 -11.42
C PHE B 164 5.37 29.66 -12.29
N VAL B 165 4.63 29.35 -13.36
CA VAL B 165 4.93 28.19 -14.21
C VAL B 165 5.79 28.51 -15.44
N GLY B 166 6.05 29.81 -15.65
CA GLY B 166 6.90 30.26 -16.75
C GLY B 166 6.27 30.16 -18.12
N ASP B 167 6.78 29.23 -18.93
CA ASP B 167 6.34 29.09 -20.32
C ASP B 167 5.23 28.05 -20.52
N THR B 168 4.83 27.39 -19.45
CA THR B 168 3.81 26.34 -19.53
C THR B 168 2.47 26.92 -20.01
N VAL B 169 1.94 26.31 -21.06
CA VAL B 169 0.67 26.72 -21.67
C VAL B 169 -0.48 26.44 -20.70
N LEU B 170 -1.13 27.51 -20.24
CA LEU B 170 -2.29 27.40 -19.36
C LEU B 170 -3.58 27.64 -20.14
N GLU B 171 -4.24 26.54 -20.52
CA GLU B 171 -5.50 26.59 -21.26
C GLU B 171 -6.69 26.81 -20.33
N ASP B 172 -7.79 27.32 -20.88
CA ASP B 172 -9.02 27.53 -20.14
C ASP B 172 -10.05 26.45 -20.43
N ASP B 173 -10.79 26.05 -19.39
CA ASP B 173 -11.91 25.11 -19.49
C ASP B 173 -11.57 23.87 -20.31
N ILE B 174 -10.54 23.16 -19.87
CA ILE B 174 -10.08 21.94 -20.54
C ILE B 174 -11.12 20.83 -20.40
N LYS B 175 -11.70 20.43 -21.52
CA LYS B 175 -12.73 19.39 -21.54
C LYS B 175 -12.13 18.04 -21.87
N GLU B 176 -12.38 17.06 -21.02
CA GLU B 176 -11.91 15.69 -21.23
C GLU B 176 -12.99 14.67 -20.86
N GLY B 177 -13.86 14.38 -21.82
CA GLY B 177 -15.04 13.56 -21.57
C GLY B 177 -16.16 14.43 -21.02
N ASP B 178 -16.66 14.07 -19.85
CA ASP B 178 -17.69 14.87 -19.18
C ASP B 178 -17.07 15.95 -18.28
N PHE B 179 -15.85 15.68 -17.80
CA PHE B 179 -15.13 16.58 -16.90
C PHE B 179 -14.60 17.83 -17.60
N THR B 180 -14.55 18.92 -16.85
CA THR B 180 -14.00 20.18 -17.32
C THR B 180 -13.19 20.82 -16.20
N TYR B 181 -11.90 21.08 -16.45
CA TYR B 181 -11.02 21.58 -15.40
C TYR B 181 -10.22 22.84 -15.74
N ASN B 182 -9.74 23.50 -14.69
CA ASN B 182 -8.89 24.68 -14.80
C ASN B 182 -7.79 24.64 -13.75
N TYR B 183 -6.69 25.32 -14.02
CA TYR B 183 -5.60 25.43 -13.04
C TYR B 183 -5.73 26.72 -12.25
N THR B 184 -5.52 26.62 -10.94
CA THR B 184 -5.60 27.78 -10.05
C THR B 184 -4.38 27.88 -9.13
N LEU B 185 -4.14 29.08 -8.61
CA LEU B 185 -3.09 29.33 -7.62
C LEU B 185 -3.65 30.05 -6.40
N TRP B 186 -3.40 29.51 -5.22
CA TRP B 186 -3.91 30.09 -3.97
C TRP B 186 -2.76 30.47 -3.03
N THR B 187 -2.84 31.66 -2.44
CA THR B 187 -1.89 32.09 -1.41
C THR B 187 -2.64 32.40 -0.10
N ARG B 188 -1.89 32.44 1.00
CA ARG B 188 -2.48 32.71 2.31
C ARG B 188 -2.89 34.16 2.47
N LYS B 189 -3.90 34.39 3.31
CA LYS B 189 -4.32 35.75 3.65
C LYS B 189 -3.45 36.33 4.75
#